data_9U3O
#
_entry.id   9U3O
#
_cell.length_a   121.676
_cell.length_b   49.858
_cell.length_c   92.602
_cell.angle_alpha   90.00
_cell.angle_beta   125.62
_cell.angle_gamma   90.00
#
_symmetry.space_group_name_H-M   'C 1 2 1'
#
loop_
_entity.id
_entity.type
_entity.pdbx_description
1 polymer chitinase
2 branched 2-acetamido-2-deoxy-beta-D-glucopyranose-(1-4)-2-acetamido-2-deoxy-beta-D-glucopyranose-(1-4)-2-acetamido-2-deoxy-beta-D-glucopyranose-(1-4)-2-acetamido-2-deoxy-beta-D-glucopyranose
3 water water
#
_entity_poly.entity_id   1
_entity_poly.type   'polypeptide(L)'
_entity_poly.pdbx_seq_one_letter_code
;EQKVVAGYFADWQYANAENPYTVKDIPADKLTHVIYAFLSMCGPHTGASETVQNLVAKQCEGKDPYTAIIVDTEAALEKN
FGAVSVNVPYKGHFAQLAEMKKQHPDLKILPSFGGWTMSEPFHAMAKNKQAMDQFSKSAVELIAQYDFFDGIDLDWAYPG
GGGLTTSPWNPDTKLSDEQKASEREAFTYLVKTMRAELDELTNQTKREYELSTAVGVGPKAAGIDWKAAEPYLTNMFAMT
YDFLGGWGQQTGHTTNLHATERSWWGMGADVFINQMIELGIPSEKLVIGAAFYGRGWQGTKDFSGGLPTQDLVSEQGAQF
GTGENGYFMFWDLVKNYGAKQGYEYKYDEQSQAPYLWNPEKKVFISYEDQRSIKAKANWAKQANLGGIFTWELSGDPKGE
LVEVMYQEMQK
;
_entity_poly.pdbx_strand_id   A
#
loop_
_chem_comp.id
_chem_comp.type
_chem_comp.name
_chem_comp.formula
NAG D-saccharide, beta linking 2-acetamido-2-deoxy-beta-D-glucopyranose 'C8 H15 N O6'
#
# COMPACT_ATOMS: atom_id res chain seq x y z
N GLN A 2 -6.30 20.07 -8.12
CA GLN A 2 -6.09 18.66 -8.53
C GLN A 2 -5.27 17.91 -7.50
N LYS A 3 -6.00 17.30 -6.58
CA LYS A 3 -5.39 16.51 -5.54
C LYS A 3 -5.20 15.07 -6.03
N VAL A 4 -4.35 14.37 -5.33
CA VAL A 4 -4.13 12.95 -5.60
C VAL A 4 -5.32 12.16 -5.11
N VAL A 5 -5.79 11.28 -6.01
CA VAL A 5 -6.79 10.28 -5.67
C VAL A 5 -6.26 8.99 -6.28
N ALA A 6 -5.52 8.22 -5.47
CA ALA A 6 -4.74 7.11 -6.01
C ALA A 6 -5.30 5.78 -5.53
N GLY A 7 -5.16 4.77 -6.36
CA GLY A 7 -5.52 3.43 -5.95
C GLY A 7 -4.43 2.41 -6.29
N TYR A 8 -4.11 1.55 -5.34
CA TYR A 8 -3.26 0.41 -5.61
C TYR A 8 -4.11 -0.68 -6.28
N PHE A 9 -3.52 -1.35 -7.25
CA PHE A 9 -4.08 -2.46 -7.99
C PHE A 9 -3.20 -3.68 -7.74
N ALA A 10 -3.75 -4.59 -6.97
CA ALA A 10 -3.07 -5.83 -6.63
C ALA A 10 -3.09 -6.80 -7.79
N ASP A 11 -1.92 -7.30 -8.21
CA ASP A 11 -1.84 -8.14 -9.39
C ASP A 11 -2.46 -9.52 -9.21
N TRP A 12 -2.76 -9.93 -7.98
CA TRP A 12 -3.16 -11.29 -7.67
C TRP A 12 -4.66 -11.43 -7.49
N GLN A 13 -5.41 -10.32 -7.40
CA GLN A 13 -6.80 -10.41 -6.94
C GLN A 13 -7.74 -11.00 -7.99
N TYR A 14 -7.31 -11.03 -9.25
CA TYR A 14 -8.18 -11.54 -10.30
C TYR A 14 -8.44 -13.01 -10.04
N ALA A 15 -7.61 -13.68 -9.25
CA ALA A 15 -7.68 -15.13 -9.12
C ALA A 15 -8.76 -15.57 -8.15
N ASN A 16 -9.36 -14.67 -7.39
CA ASN A 16 -10.43 -15.02 -6.50
C ASN A 16 -11.73 -15.03 -7.30
N ALA A 17 -12.36 -16.19 -7.49
CA ALA A 17 -13.55 -16.34 -8.29
C ALA A 17 -14.71 -15.55 -7.73
N GLU A 18 -14.71 -15.23 -6.42
CA GLU A 18 -15.78 -14.46 -5.83
C GLU A 18 -15.61 -12.95 -6.05
N ASN A 19 -14.43 -12.54 -6.55
CA ASN A 19 -14.28 -11.14 -6.96
C ASN A 19 -13.10 -11.01 -7.91
N PRO A 20 -13.21 -11.50 -9.14
CA PRO A 20 -12.08 -11.63 -10.04
C PRO A 20 -11.75 -10.30 -10.73
N TYR A 21 -11.18 -9.43 -9.88
CA TYR A 21 -11.03 -8.03 -10.20
C TYR A 21 -9.83 -7.85 -11.13
N THR A 22 -10.04 -7.14 -12.24
CA THR A 22 -9.02 -6.93 -13.24
C THR A 22 -8.89 -5.44 -13.50
N VAL A 23 -8.01 -5.13 -14.42
CA VAL A 23 -7.78 -3.73 -14.78
C VAL A 23 -9.05 -3.12 -15.37
N LYS A 24 -9.85 -3.93 -16.06
CA LYS A 24 -11.07 -3.42 -16.63
C LYS A 24 -12.09 -3.03 -15.58
N ASP A 25 -11.89 -3.44 -14.33
CA ASP A 25 -12.81 -3.06 -13.27
C ASP A 25 -12.44 -1.76 -12.60
N ILE A 26 -11.22 -1.25 -12.88
CA ILE A 26 -10.74 -0.04 -12.18
C ILE A 26 -11.63 1.12 -12.59
N PRO A 27 -12.06 1.97 -11.63
CA PRO A 27 -12.81 3.19 -11.94
C PRO A 27 -11.87 4.33 -12.34
N ALA A 28 -11.29 4.20 -13.53
CA ALA A 28 -10.21 5.04 -13.97
C ALA A 28 -10.57 6.52 -14.06
N ASP A 29 -11.81 6.84 -14.36
CA ASP A 29 -12.22 8.22 -14.48
C ASP A 29 -12.29 8.92 -13.11
N LYS A 30 -12.23 8.16 -12.00
CA LYS A 30 -12.32 8.73 -10.65
C LYS A 30 -10.96 8.79 -9.95
N LEU A 31 -9.91 8.35 -10.58
CA LEU A 31 -8.58 8.30 -10.00
C LEU A 31 -7.65 9.24 -10.74
N THR A 32 -6.62 9.70 -10.04
CA THR A 32 -5.49 10.36 -10.68
C THR A 32 -4.35 9.38 -10.90
N HIS A 33 -4.26 8.33 -10.11
CA HIS A 33 -3.13 7.41 -10.12
C HIS A 33 -3.64 6.00 -9.91
N VAL A 34 -3.09 5.07 -10.69
CA VAL A 34 -3.16 3.63 -10.42
C VAL A 34 -1.74 3.19 -10.14
N ILE A 35 -1.58 2.41 -9.08
CA ILE A 35 -0.27 1.91 -8.68
C ILE A 35 -0.31 0.40 -8.71
N TYR A 36 0.47 -0.20 -9.61
CA TYR A 36 0.48 -1.66 -9.79
C TYR A 36 1.38 -2.38 -8.80
N ALA A 37 0.79 -3.23 -7.95
CA ALA A 37 1.47 -3.93 -6.87
C ALA A 37 1.56 -5.43 -7.19
N PHE A 38 2.74 -6.04 -7.19
CA PHE A 38 4.05 -5.46 -6.88
C PHE A 38 5.07 -6.07 -7.85
N LEU A 39 6.11 -5.28 -8.14
CA LEU A 39 7.32 -5.72 -8.81
C LEU A 39 8.40 -5.81 -7.76
N SER A 40 9.57 -6.33 -8.13
CA SER A 40 10.64 -6.50 -7.17
C SER A 40 11.95 -6.39 -7.92
N MET A 41 12.95 -7.05 -7.31
CA MET A 41 14.31 -7.03 -7.87
C MET A 41 14.95 -8.37 -7.61
N CYS A 42 16.03 -8.65 -8.34
CA CYS A 42 16.73 -9.90 -8.18
C CYS A 42 17.59 -9.86 -6.92
N GLY A 43 17.05 -10.39 -5.85
CA GLY A 43 17.72 -10.42 -4.57
C GLY A 43 16.97 -11.38 -3.67
N PRO A 44 17.33 -11.47 -2.38
CA PRO A 44 16.77 -12.47 -1.48
C PRO A 44 15.30 -12.21 -1.15
N HIS A 45 14.53 -13.28 -1.24
CA HIS A 45 13.13 -13.26 -0.86
C HIS A 45 12.82 -14.43 0.10
N THR A 46 13.73 -14.72 1.04
CA THR A 46 13.54 -15.85 1.94
C THR A 46 12.30 -15.76 2.82
N GLY A 47 11.77 -14.56 3.07
CA GLY A 47 10.60 -14.38 3.92
C GLY A 47 9.27 -14.43 3.19
N ALA A 48 9.29 -14.49 1.83
CA ALA A 48 8.11 -14.56 0.99
C ALA A 48 7.64 -16.00 0.84
N SER A 49 6.44 -16.16 0.30
CA SER A 49 5.92 -17.48 0.05
C SER A 49 6.84 -18.25 -0.88
N GLU A 50 6.66 -19.57 -0.84
CA GLU A 50 7.36 -20.40 -1.80
C GLU A 50 7.01 -19.99 -3.25
N THR A 51 5.73 -19.67 -3.52
CA THR A 51 5.33 -19.26 -4.85
C THR A 51 6.19 -18.07 -5.27
N VAL A 52 6.27 -17.07 -4.41
CA VAL A 52 6.99 -15.88 -4.78
C VAL A 52 8.48 -16.15 -4.96
N GLN A 53 9.06 -16.96 -4.05
CA GLN A 53 10.47 -17.28 -4.18
C GLN A 53 10.78 -18.01 -5.50
N ASN A 54 9.89 -18.93 -5.91
CA ASN A 54 10.07 -19.61 -7.17
C ASN A 54 9.96 -18.62 -8.33
N LEU A 55 8.96 -17.70 -8.28
CA LEU A 55 8.81 -16.74 -9.36
C LEU A 55 10.04 -15.87 -9.51
N VAL A 56 10.54 -15.39 -8.38
CA VAL A 56 11.76 -14.62 -8.40
C VAL A 56 12.94 -15.41 -8.98
N ALA A 57 13.16 -16.61 -8.52
CA ALA A 57 14.29 -17.39 -8.99
C ALA A 57 14.20 -17.60 -10.51
N LYS A 58 12.98 -17.80 -11.01
CA LYS A 58 12.79 -18.01 -12.42
C LYS A 58 13.24 -16.75 -13.14
N GLN A 59 12.81 -15.57 -12.65
CA GLN A 59 13.11 -14.33 -13.34
C GLN A 59 14.56 -13.93 -13.20
N CYS A 60 15.24 -14.40 -12.15
CA CYS A 60 16.65 -14.08 -11.93
C CYS A 60 17.55 -14.72 -12.97
N GLU A 61 17.06 -15.75 -13.68
CA GLU A 61 17.86 -16.46 -14.67
C GLU A 61 18.29 -15.45 -15.74
N GLY A 62 19.61 -15.30 -15.92
CA GLY A 62 20.17 -14.45 -16.95
C GLY A 62 20.20 -12.96 -16.61
N LYS A 63 19.82 -12.57 -15.39
CA LYS A 63 19.82 -11.16 -15.04
C LYS A 63 20.85 -10.90 -13.95
N ASP A 64 21.29 -9.65 -13.90
CA ASP A 64 22.25 -9.26 -12.90
C ASP A 64 21.58 -9.18 -11.53
N PRO A 65 22.32 -9.33 -10.44
CA PRO A 65 21.81 -9.02 -9.12
C PRO A 65 21.19 -7.63 -9.04
N TYR A 66 20.03 -7.56 -8.34
CA TYR A 66 19.31 -6.32 -8.10
C TYR A 66 18.70 -5.70 -9.35
N THR A 67 18.60 -6.45 -10.44
CA THR A 67 17.82 -6.03 -11.60
C THR A 67 16.33 -5.95 -11.22
N ALA A 68 15.70 -4.82 -11.50
CA ALA A 68 14.24 -4.65 -11.38
C ALA A 68 13.54 -5.68 -12.24
N ILE A 69 12.54 -6.35 -11.65
CA ILE A 69 11.83 -7.41 -12.34
C ILE A 69 10.32 -7.32 -12.10
N ILE A 70 9.62 -7.78 -13.14
CA ILE A 70 8.26 -8.25 -12.97
C ILE A 70 8.31 -9.60 -12.31
N VAL A 71 7.53 -9.85 -11.26
CA VAL A 71 7.61 -11.10 -10.52
C VAL A 71 6.59 -12.08 -11.07
N ASP A 72 5.31 -11.76 -10.90
CA ASP A 72 4.26 -12.57 -11.50
C ASP A 72 4.04 -12.19 -12.96
N THR A 73 4.81 -12.81 -13.85
CA THR A 73 4.80 -12.51 -15.26
C THR A 73 3.56 -13.11 -15.91
N GLU A 74 3.02 -14.19 -15.33
CA GLU A 74 1.77 -14.71 -15.84
C GLU A 74 0.71 -13.61 -15.76
N ALA A 75 0.51 -13.04 -14.58
CA ALA A 75 -0.45 -11.98 -14.36
C ALA A 75 -0.10 -10.78 -15.21
N ALA A 76 1.16 -10.36 -15.21
CA ALA A 76 1.49 -9.07 -15.82
C ALA A 76 1.43 -9.12 -17.34
N LEU A 77 1.89 -10.22 -17.96
CA LEU A 77 2.19 -10.25 -19.38
C LEU A 77 1.45 -11.34 -20.17
N GLU A 78 1.02 -12.42 -19.52
CA GLU A 78 0.64 -13.62 -20.29
C GLU A 78 -0.87 -13.85 -20.28
N LYS A 79 -1.52 -13.77 -19.12
CA LYS A 79 -2.90 -14.13 -19.04
C LYS A 79 -3.72 -13.21 -19.93
N ASN A 80 -4.64 -13.81 -20.70
CA ASN A 80 -5.47 -13.03 -21.60
C ASN A 80 -6.64 -12.48 -20.81
N PHE A 81 -6.62 -11.17 -20.50
CA PHE A 81 -7.71 -10.50 -19.86
C PHE A 81 -8.64 -9.84 -20.88
N GLY A 82 -8.35 -10.06 -22.16
CA GLY A 82 -9.22 -9.62 -23.24
C GLY A 82 -8.50 -8.75 -24.25
N ALA A 83 -9.04 -8.76 -25.46
CA ALA A 83 -8.44 -7.98 -26.53
C ALA A 83 -8.44 -6.50 -26.16
N VAL A 84 -7.42 -5.81 -26.70
CA VAL A 84 -7.27 -4.40 -26.49
C VAL A 84 -6.96 -3.72 -27.81
N SER A 85 -7.26 -2.42 -27.89
CA SER A 85 -7.10 -1.65 -29.12
C SER A 85 -5.65 -1.36 -29.41
N VAL A 86 -4.82 -1.20 -28.38
CA VAL A 86 -3.40 -0.93 -28.51
C VAL A 86 -2.69 -2.18 -29.01
N ASN A 87 -1.69 -1.93 -29.85
CA ASN A 87 -0.89 -3.00 -30.40
C ASN A 87 0.37 -3.16 -29.57
N VAL A 88 0.32 -4.08 -28.61
CA VAL A 88 1.43 -4.37 -27.73
C VAL A 88 1.75 -5.86 -27.80
N PRO A 89 3.06 -6.23 -27.65
CA PRO A 89 3.47 -7.61 -27.79
C PRO A 89 3.41 -8.39 -26.48
N TYR A 90 2.35 -8.16 -25.73
CA TYR A 90 2.08 -8.92 -24.52
C TYR A 90 0.58 -8.85 -24.26
N LYS A 91 0.15 -9.68 -23.30
CA LYS A 91 -1.20 -9.65 -22.75
C LYS A 91 -1.12 -9.23 -21.29
N GLY A 92 -1.74 -10.00 -20.39
CA GLY A 92 -1.66 -9.74 -18.95
C GLY A 92 -2.31 -8.41 -18.59
N HIS A 93 -2.09 -8.09 -17.32
CA HIS A 93 -2.58 -6.83 -16.82
C HIS A 93 -1.93 -5.69 -17.58
N PHE A 94 -0.67 -5.87 -18.00
CA PHE A 94 0.05 -4.75 -18.63
C PHE A 94 -0.61 -4.35 -19.94
N ALA A 95 -1.13 -5.29 -20.75
CA ALA A 95 -1.86 -4.92 -21.96
C ALA A 95 -3.09 -4.10 -21.58
N GLN A 96 -3.74 -4.48 -20.48
CA GLN A 96 -4.90 -3.74 -20.04
C GLN A 96 -4.57 -2.35 -19.51
N LEU A 97 -3.43 -2.22 -18.88
CA LEU A 97 -2.96 -0.93 -18.38
C LEU A 97 -2.61 -0.03 -19.54
N ALA A 98 -2.03 -0.60 -20.61
CA ALA A 98 -1.72 0.22 -21.77
C ALA A 98 -3.03 0.71 -22.40
N GLU A 99 -4.05 -0.14 -22.49
CA GLU A 99 -5.36 0.26 -22.99
C GLU A 99 -5.98 1.34 -22.11
N MET A 100 -5.99 1.14 -20.79
CA MET A 100 -6.50 2.11 -19.84
C MET A 100 -5.84 3.47 -20.04
N LYS A 101 -4.54 3.49 -20.26
CA LYS A 101 -3.80 4.74 -20.49
C LYS A 101 -4.27 5.38 -21.79
N LYS A 102 -4.56 4.57 -22.81
CA LYS A 102 -5.10 5.12 -24.05
C LYS A 102 -6.46 5.79 -23.86
N GLN A 103 -7.35 5.13 -23.11
CA GLN A 103 -8.70 5.66 -22.92
C GLN A 103 -8.75 6.74 -21.84
N HIS A 104 -7.71 6.83 -21.00
CA HIS A 104 -7.65 7.80 -19.91
C HIS A 104 -6.28 8.46 -19.91
N PRO A 105 -5.98 9.35 -20.88
CA PRO A 105 -4.63 9.86 -21.03
C PRO A 105 -4.09 10.69 -19.88
N ASP A 106 -4.97 11.23 -19.04
CA ASP A 106 -4.52 12.05 -17.92
C ASP A 106 -4.28 11.19 -16.69
N LEU A 107 -4.59 9.89 -16.70
CA LEU A 107 -4.34 9.02 -15.57
C LEU A 107 -2.84 8.75 -15.50
N LYS A 108 -2.28 8.69 -14.30
CA LYS A 108 -0.91 8.30 -14.11
C LYS A 108 -0.89 6.86 -13.61
N ILE A 109 -0.01 6.05 -14.17
CA ILE A 109 0.12 4.65 -13.82
C ILE A 109 1.54 4.43 -13.35
N LEU A 110 1.70 3.89 -12.16
CA LEU A 110 3.02 3.67 -11.58
C LEU A 110 3.17 2.21 -11.25
N PRO A 111 4.37 1.62 -11.43
CA PRO A 111 4.66 0.33 -10.82
C PRO A 111 5.13 0.55 -9.40
N SER A 112 4.78 -0.37 -8.49
CA SER A 112 5.31 -0.34 -7.14
C SER A 112 6.25 -1.49 -6.95
N PHE A 113 7.47 -1.19 -6.48
CA PHE A 113 8.49 -2.17 -6.18
C PHE A 113 8.54 -2.39 -4.67
N GLY A 114 8.41 -3.63 -4.27
CA GLY A 114 8.46 -4.02 -2.88
C GLY A 114 7.15 -4.58 -2.37
N GLY A 115 6.58 -3.86 -1.43
CA GLY A 115 5.44 -4.33 -0.66
C GLY A 115 5.88 -5.21 0.48
N TRP A 116 4.95 -5.56 1.35
CA TRP A 116 5.26 -6.25 2.58
C TRP A 116 6.16 -7.47 2.38
N THR A 117 5.80 -8.34 1.44
CA THR A 117 6.46 -9.63 1.28
C THR A 117 7.73 -9.54 0.45
N MET A 118 8.00 -8.42 -0.21
CA MET A 118 9.14 -8.32 -1.13
C MET A 118 9.98 -7.08 -0.85
N SER A 119 9.97 -6.63 0.40
CA SER A 119 10.85 -5.59 0.87
C SER A 119 12.24 -6.12 1.17
N GLU A 120 12.31 -7.38 1.60
CA GLU A 120 13.56 -8.00 1.98
C GLU A 120 14.72 -7.66 1.06
N PRO A 121 14.66 -7.74 -0.29
CA PRO A 121 15.84 -7.50 -1.09
C PRO A 121 16.39 -6.10 -1.01
N PHE A 122 15.59 -5.11 -0.63
CA PHE A 122 16.07 -3.74 -0.50
C PHE A 122 17.18 -3.69 0.56
N HIS A 123 17.03 -4.46 1.64
CA HIS A 123 18.04 -4.46 2.72
C HIS A 123 19.38 -4.91 2.18
N ALA A 124 19.41 -5.91 1.29
CA ALA A 124 20.64 -6.42 0.69
C ALA A 124 21.18 -5.42 -0.33
N MET A 125 20.30 -4.85 -1.14
CA MET A 125 20.67 -3.86 -2.13
C MET A 125 21.31 -2.63 -1.48
N ALA A 126 20.80 -2.20 -0.33
CA ALA A 126 21.21 -0.96 0.31
C ALA A 126 22.65 -1.05 0.81
N LYS A 127 23.19 -2.26 0.86
CA LYS A 127 24.58 -2.41 1.34
C LYS A 127 25.61 -1.93 0.32
N ASN A 128 25.24 -1.78 -0.96
CA ASN A 128 26.20 -1.44 -2.01
C ASN A 128 25.64 -0.41 -2.99
N LYS A 129 26.45 0.60 -3.32
CA LYS A 129 26.11 1.61 -4.31
C LYS A 129 25.85 0.97 -5.67
N GLN A 130 26.65 -0.04 -6.05
CA GLN A 130 26.52 -0.63 -7.38
C GLN A 130 25.17 -1.35 -7.49
N ALA A 131 24.73 -1.99 -6.41
CA ALA A 131 23.44 -2.67 -6.33
C ALA A 131 22.32 -1.66 -6.53
N MET A 132 22.38 -0.55 -5.82
CA MET A 132 21.39 0.51 -5.95
C MET A 132 21.43 1.12 -7.33
N ASP A 133 22.62 1.29 -7.94
CA ASP A 133 22.69 1.82 -9.28
C ASP A 133 22.03 0.89 -10.30
N GLN A 134 22.25 -0.41 -10.14
CA GLN A 134 21.69 -1.41 -11.02
C GLN A 134 20.16 -1.46 -10.90
N PHE A 135 19.65 -1.41 -9.67
CA PHE A 135 18.20 -1.40 -9.53
C PHE A 135 17.65 -0.14 -10.17
N SER A 136 18.21 1.04 -9.91
CA SER A 136 17.74 2.27 -10.50
C SER A 136 17.76 2.24 -12.01
N LYS A 137 18.92 1.84 -12.57
CA LYS A 137 19.04 1.82 -14.02
C LYS A 137 17.97 0.90 -14.61
N SER A 138 17.85 -0.31 -14.07
CA SER A 138 16.98 -1.31 -14.65
C SER A 138 15.50 -1.00 -14.38
N ALA A 139 15.19 -0.34 -13.26
CA ALA A 139 13.80 0.05 -13.03
C ALA A 139 13.34 1.05 -14.06
N VAL A 140 14.21 2.01 -14.40
CA VAL A 140 13.88 3.00 -15.41
C VAL A 140 13.82 2.38 -16.82
N GLU A 141 14.68 1.41 -17.11
CA GLU A 141 14.61 0.69 -18.38
C GLU A 141 13.28 -0.05 -18.48
N LEU A 142 12.82 -0.61 -17.34
CA LEU A 142 11.59 -1.36 -17.32
C LEU A 142 10.43 -0.43 -17.70
N ILE A 143 10.37 0.77 -17.09
CA ILE A 143 9.27 1.64 -17.48
C ILE A 143 9.42 2.22 -18.88
N ALA A 144 10.66 2.36 -19.34
CA ALA A 144 10.88 2.82 -20.70
C ALA A 144 10.30 1.84 -21.71
N GLN A 145 10.37 0.55 -21.40
CA GLN A 145 9.85 -0.52 -22.24
C GLN A 145 8.33 -0.54 -22.15
N TYR A 146 7.78 -0.41 -20.93
CA TYR A 146 6.35 -0.45 -20.72
C TYR A 146 5.83 0.97 -20.56
N ASP A 147 5.73 1.68 -21.68
CA ASP A 147 5.74 3.11 -21.64
C ASP A 147 4.40 3.74 -21.31
N PHE A 148 3.42 2.93 -20.86
CA PHE A 148 2.23 3.49 -20.25
C PHE A 148 2.51 3.91 -18.82
N PHE A 149 3.63 3.45 -18.24
CA PHE A 149 3.97 3.86 -16.89
C PHE A 149 4.51 5.28 -16.85
N ASP A 150 4.23 5.98 -15.75
CA ASP A 150 4.49 7.40 -15.62
C ASP A 150 5.56 7.70 -14.58
N GLY A 151 6.29 6.67 -14.14
CA GLY A 151 7.33 6.81 -13.16
C GLY A 151 7.44 5.56 -12.32
N ILE A 152 7.94 5.74 -11.09
CA ILE A 152 8.26 4.63 -10.22
C ILE A 152 7.73 4.92 -8.83
N ASP A 153 7.14 3.92 -8.18
CA ASP A 153 6.81 3.98 -6.76
C ASP A 153 7.65 2.93 -6.02
N LEU A 154 8.21 3.35 -4.89
CA LEU A 154 9.01 2.49 -4.06
C LEU A 154 8.18 2.15 -2.83
N ASP A 155 8.03 0.88 -2.54
CA ASP A 155 7.29 0.39 -1.38
C ASP A 155 8.19 -0.51 -0.56
N TRP A 156 9.26 0.09 -0.08
CA TRP A 156 10.23 -0.59 0.76
C TRP A 156 9.79 -0.42 2.22
N ALA A 157 9.30 -1.52 2.80
CA ALA A 157 8.82 -1.60 4.17
C ALA A 157 9.87 -2.35 4.99
N TYR A 158 10.87 -1.65 5.62
CA TYR A 158 11.09 -0.22 5.67
C TYR A 158 12.57 -0.01 5.91
N PRO A 159 13.17 1.09 5.42
CA PRO A 159 14.52 1.45 5.87
C PRO A 159 14.56 1.57 7.39
N GLY A 160 15.53 0.89 7.98
CA GLY A 160 15.65 0.90 9.42
C GLY A 160 14.90 -0.24 10.11
N GLY A 161 14.15 -1.06 9.35
CA GLY A 161 13.51 -2.26 9.86
C GLY A 161 12.02 -2.07 10.19
N GLY A 162 11.43 -3.06 10.86
CA GLY A 162 10.03 -3.04 11.20
C GLY A 162 9.20 -3.77 10.15
N GLY A 163 9.84 -4.39 9.14
CA GLY A 163 9.08 -5.15 8.16
C GLY A 163 9.11 -6.65 8.42
N LEU A 164 8.82 -7.42 7.37
CA LEU A 164 8.53 -8.83 7.52
C LEU A 164 9.74 -9.57 8.04
N THR A 165 10.93 -9.28 7.50
CA THR A 165 12.16 -9.99 7.86
C THR A 165 13.03 -9.17 8.79
N THR A 166 12.52 -8.04 9.28
CA THR A 166 13.31 -7.06 10.03
C THR A 166 12.57 -6.60 11.29
N SER A 167 11.83 -7.51 11.92
CA SER A 167 11.07 -7.22 13.13
C SER A 167 12.01 -6.78 14.25
N PRO A 168 11.73 -5.64 14.93
CA PRO A 168 12.48 -5.26 16.12
C PRO A 168 12.09 -6.05 17.36
N TRP A 169 10.98 -6.77 17.29
CA TRP A 169 10.44 -7.45 18.45
C TRP A 169 11.06 -8.84 18.61
N ASN A 170 11.96 -9.21 17.68
CA ASN A 170 12.62 -10.50 17.70
C ASN A 170 14.14 -10.27 17.65
N PRO A 171 14.88 -10.73 18.69
CA PRO A 171 16.33 -10.58 18.75
C PRO A 171 17.12 -10.79 17.45
N ASP A 172 16.85 -11.84 16.69
CA ASP A 172 17.73 -12.14 15.55
C ASP A 172 17.27 -11.46 14.24
N THR A 173 16.20 -10.67 14.26
CA THR A 173 15.85 -9.91 13.06
C THR A 173 15.98 -8.40 13.30
N LYS A 174 16.07 -7.96 14.56
CA LYS A 174 16.15 -6.52 14.83
C LYS A 174 17.43 -6.00 14.20
N LEU A 175 17.34 -4.90 13.43
CA LEU A 175 18.51 -4.34 12.79
C LEU A 175 19.36 -3.59 13.81
N SER A 176 20.68 -3.62 13.61
CA SER A 176 21.59 -2.90 14.49
C SER A 176 21.48 -1.41 14.24
N ASP A 177 22.06 -0.61 15.16
CA ASP A 177 22.10 0.82 14.97
C ASP A 177 22.88 1.18 13.71
N GLU A 178 23.97 0.43 13.44
CA GLU A 178 24.83 0.67 12.29
C GLU A 178 24.05 0.42 10.98
N GLN A 179 23.30 -0.69 10.93
CA GLN A 179 22.50 -0.99 9.76
C GLN A 179 21.37 0.04 9.56
N LYS A 180 20.68 0.43 10.63
CA LYS A 180 19.72 1.52 10.52
C LYS A 180 20.36 2.75 9.89
N ALA A 181 21.60 3.10 10.31
CA ALA A 181 22.22 4.31 9.84
C ALA A 181 22.59 4.24 8.37
N SER A 182 23.11 3.07 7.99
CA SER A 182 23.48 2.75 6.64
C SER A 182 22.23 2.83 5.75
N GLU A 183 21.12 2.29 6.23
CA GLU A 183 19.90 2.26 5.42
C GLU A 183 19.33 3.67 5.26
N ARG A 184 19.47 4.49 6.30
CA ARG A 184 19.01 5.87 6.22
C ARG A 184 19.70 6.58 5.06
N GLU A 185 21.04 6.47 5.01
CA GLU A 185 21.82 7.09 3.95
C GLU A 185 21.55 6.46 2.57
N ALA A 186 21.36 5.14 2.57
CA ALA A 186 21.12 4.42 1.34
C ALA A 186 19.79 4.84 0.69
N PHE A 187 18.75 5.06 1.50
CA PHE A 187 17.47 5.45 0.92
C PHE A 187 17.62 6.79 0.22
N THR A 188 18.34 7.77 0.82
CA THR A 188 18.57 9.02 0.11
C THR A 188 19.30 8.77 -1.21
N TYR A 189 20.38 7.96 -1.17
CA TYR A 189 21.12 7.70 -2.39
C TYR A 189 20.19 7.06 -3.46
N LEU A 190 19.39 6.11 -3.01
CA LEU A 190 18.49 5.42 -3.94
C LEU A 190 17.58 6.41 -4.64
N VAL A 191 16.89 7.25 -3.89
CA VAL A 191 15.93 8.15 -4.53
C VAL A 191 16.62 9.25 -5.35
N LYS A 192 17.84 9.67 -4.92
CA LYS A 192 18.64 10.58 -5.71
C LYS A 192 19.00 9.96 -7.06
N THR A 193 19.45 8.69 -7.03
CA THR A 193 19.89 8.01 -8.23
C THR A 193 18.68 7.75 -9.16
N MET A 194 17.61 7.21 -8.59
CA MET A 194 16.40 6.94 -9.37
C MET A 194 15.88 8.25 -10.00
N ARG A 195 15.88 9.34 -9.23
CA ARG A 195 15.38 10.60 -9.77
C ARG A 195 16.23 11.06 -10.95
N ALA A 196 17.57 10.90 -10.81
CA ALA A 196 18.45 11.26 -11.92
C ALA A 196 18.21 10.40 -13.14
N GLU A 197 17.99 9.10 -12.94
CA GLU A 197 17.77 8.19 -14.05
C GLU A 197 16.46 8.54 -14.76
N LEU A 198 15.43 8.90 -13.99
CA LEU A 198 14.17 9.32 -14.58
C LEU A 198 14.36 10.62 -15.36
N ASP A 199 15.16 11.55 -14.80
CA ASP A 199 15.41 12.81 -15.51
C ASP A 199 16.11 12.57 -16.85
N GLU A 200 16.98 11.57 -16.90
CA GLU A 200 17.59 11.22 -18.18
C GLU A 200 16.53 10.67 -19.15
N LEU A 201 15.60 9.85 -18.65
CA LEU A 201 14.55 9.35 -19.52
C LEU A 201 13.70 10.50 -20.05
N THR A 202 13.38 11.49 -19.22
CA THR A 202 12.67 12.68 -19.64
C THR A 202 13.43 13.37 -20.79
N ASN A 203 14.75 13.39 -20.69
CA ASN A 203 15.52 14.11 -21.71
C ASN A 203 15.32 13.38 -23.04
N GLN A 204 15.12 12.06 -23.01
CA GLN A 204 14.93 11.28 -24.22
C GLN A 204 13.49 11.37 -24.73
N THR A 205 12.49 11.25 -23.85
CA THR A 205 11.12 11.04 -24.29
C THR A 205 10.30 12.31 -24.27
N LYS A 206 10.76 13.30 -23.53
CA LYS A 206 10.10 14.57 -23.31
C LYS A 206 8.86 14.47 -22.42
N ARG A 207 8.65 13.32 -21.77
CA ARG A 207 7.58 13.20 -20.80
C ARG A 207 8.13 13.42 -19.40
N GLU A 208 7.25 13.81 -18.47
CA GLU A 208 7.57 13.94 -17.06
C GLU A 208 7.24 12.60 -16.36
N TYR A 209 8.11 12.24 -15.41
CA TYR A 209 7.93 11.03 -14.62
C TYR A 209 7.91 11.38 -13.15
N GLU A 210 7.11 10.64 -12.37
CA GLU A 210 7.01 10.80 -10.93
C GLU A 210 7.86 9.72 -10.25
N LEU A 211 8.42 10.07 -9.09
CA LEU A 211 9.06 9.12 -8.21
C LEU A 211 8.43 9.29 -6.85
N SER A 212 7.83 8.21 -6.35
CA SER A 212 7.08 8.29 -5.09
C SER A 212 7.45 7.09 -4.22
N THR A 213 7.04 7.18 -2.95
CA THR A 213 7.36 6.16 -2.00
C THR A 213 6.22 5.97 -0.99
N ALA A 214 6.09 4.75 -0.48
CA ALA A 214 5.25 4.53 0.70
C ALA A 214 6.04 5.01 1.91
N VAL A 215 5.34 5.32 2.99
CA VAL A 215 5.94 5.70 4.27
C VAL A 215 5.19 4.96 5.35
N GLY A 216 5.92 4.27 6.22
CA GLY A 216 5.31 3.63 7.37
C GLY A 216 5.05 4.64 8.47
N VAL A 217 4.32 4.19 9.46
CA VAL A 217 3.92 5.11 10.51
C VAL A 217 4.80 4.95 11.75
N GLY A 218 4.82 6.02 12.55
CA GLY A 218 5.51 6.00 13.82
C GLY A 218 7.00 5.84 13.61
N PRO A 219 7.69 4.92 14.31
CA PRO A 219 9.12 4.75 14.11
C PRO A 219 9.52 4.35 12.70
N LYS A 220 8.57 3.74 11.98
CA LYS A 220 8.84 3.26 10.64
C LYS A 220 8.97 4.40 9.63
N ALA A 221 8.48 5.63 9.96
CA ALA A 221 8.72 6.84 9.17
C ALA A 221 10.09 7.45 9.47
N ALA A 222 10.58 7.26 10.70
CA ALA A 222 11.75 8.01 11.13
C ALA A 222 13.06 7.32 10.72
N GLY A 223 13.04 6.20 9.99
CA GLY A 223 14.24 5.57 9.46
C GLY A 223 14.78 6.19 8.17
N ILE A 224 14.07 7.21 7.65
CA ILE A 224 14.45 7.92 6.43
C ILE A 224 14.73 9.38 6.82
N ASP A 225 15.76 9.94 6.17
CA ASP A 225 16.10 11.33 6.31
C ASP A 225 15.27 12.13 5.31
N TRP A 226 14.10 12.56 5.77
CA TRP A 226 13.14 13.21 4.89
C TRP A 226 13.63 14.55 4.40
N LYS A 227 14.34 15.29 5.25
CA LYS A 227 14.84 16.57 4.76
C LYS A 227 15.73 16.37 3.54
N ALA A 228 16.58 15.34 3.53
CA ALA A 228 17.44 15.06 2.39
C ALA A 228 16.67 14.42 1.24
N ALA A 229 15.71 13.54 1.54
CA ALA A 229 15.13 12.66 0.52
C ALA A 229 13.97 13.36 -0.18
N GLU A 230 13.24 14.21 0.52
CA GLU A 230 12.00 14.74 -0.03
C GLU A 230 12.16 15.49 -1.34
N PRO A 231 13.25 16.27 -1.62
CA PRO A 231 13.33 16.98 -2.90
C PRO A 231 13.27 16.05 -4.10
N TYR A 232 13.60 14.76 -3.92
CA TYR A 232 13.65 13.82 -5.02
C TYR A 232 12.28 13.22 -5.30
N LEU A 233 11.32 13.42 -4.39
CA LEU A 233 10.10 12.62 -4.41
C LEU A 233 8.93 13.49 -4.72
N THR A 234 7.96 12.90 -5.44
CA THR A 234 6.72 13.52 -5.85
C THR A 234 5.68 13.38 -4.74
N ASN A 235 5.36 12.14 -4.34
CA ASN A 235 4.41 11.90 -3.27
C ASN A 235 4.94 10.84 -2.31
N MET A 236 4.46 10.97 -1.07
CA MET A 236 4.69 10.04 0.00
C MET A 236 3.31 9.49 0.36
N PHE A 237 3.13 8.20 0.13
CA PHE A 237 1.87 7.50 0.44
C PHE A 237 1.95 6.96 1.86
N ALA A 238 1.33 7.65 2.81
CA ALA A 238 1.40 7.32 4.21
C ALA A 238 0.54 6.09 4.52
N MET A 239 1.13 5.01 4.97
CA MET A 239 0.36 3.78 5.17
C MET A 239 -0.30 3.82 6.54
N THR A 240 -1.32 4.66 6.60
CA THR A 240 -2.11 4.90 7.80
C THR A 240 -3.20 3.84 7.97
N TYR A 241 -2.73 2.62 8.13
CA TYR A 241 -3.56 1.45 8.31
C TYR A 241 -2.69 0.38 8.94
N ASP A 242 -3.34 -0.74 9.28
CA ASP A 242 -2.68 -1.85 9.96
C ASP A 242 -2.21 -1.42 11.35
N PHE A 243 -2.90 -0.53 12.03
CA PHE A 243 -2.49 -0.12 13.35
C PHE A 243 -2.57 -1.26 14.36
N LEU A 244 -3.59 -2.09 14.19
CA LEU A 244 -3.87 -3.27 15.00
C LEU A 244 -4.29 -4.32 13.98
N GLY A 245 -4.17 -5.56 14.42
CA GLY A 245 -4.55 -6.68 13.59
C GLY A 245 -4.48 -7.98 14.34
N GLY A 246 -4.79 -9.04 13.60
CA GLY A 246 -4.96 -10.34 14.22
C GLY A 246 -3.66 -10.98 14.68
N TRP A 247 -2.52 -10.32 14.45
CA TRP A 247 -1.22 -10.68 15.00
C TRP A 247 -1.16 -10.48 16.51
N GLY A 248 -2.07 -9.72 17.09
CA GLY A 248 -2.01 -9.44 18.53
C GLY A 248 -3.42 -9.50 19.08
N GLN A 249 -3.50 -9.62 20.39
CA GLN A 249 -4.80 -9.65 21.03
C GLN A 249 -5.40 -8.26 21.20
N GLN A 250 -4.59 -7.22 21.06
CA GLN A 250 -5.10 -5.86 21.18
C GLN A 250 -6.07 -5.59 20.04
N THR A 251 -7.29 -5.24 20.41
CA THR A 251 -8.43 -5.18 19.53
C THR A 251 -8.90 -3.74 19.43
N GLY A 252 -9.16 -3.26 18.21
CA GLY A 252 -9.60 -1.90 18.02
C GLY A 252 -9.43 -1.49 16.59
N HIS A 253 -9.42 -0.17 16.40
CA HIS A 253 -9.37 0.39 15.06
C HIS A 253 -8.05 0.11 14.35
N THR A 254 -8.18 -0.29 13.09
CA THR A 254 -7.06 -0.55 12.20
C THR A 254 -6.54 0.67 11.45
N THR A 255 -7.38 1.67 11.26
CA THR A 255 -7.05 2.75 10.37
C THR A 255 -7.83 3.99 10.76
N ASN A 256 -8.03 4.21 12.07
CA ASN A 256 -8.80 5.34 12.52
C ASN A 256 -8.11 6.65 12.18
N LEU A 257 -8.91 7.59 11.71
CA LEU A 257 -8.44 8.92 11.34
C LEU A 257 -7.92 9.67 12.55
N HIS A 258 -8.65 9.58 13.68
CA HIS A 258 -8.27 10.37 14.85
C HIS A 258 -7.86 9.49 16.01
N ALA A 259 -6.67 9.78 16.54
CA ALA A 259 -6.27 9.26 17.84
C ALA A 259 -7.19 9.82 18.90
N THR A 260 -7.54 8.96 19.87
CA THR A 260 -8.32 9.41 21.03
C THR A 260 -7.65 8.82 22.28
N GLU A 261 -8.19 9.17 23.46
CA GLU A 261 -7.75 8.58 24.70
C GLU A 261 -8.16 7.10 24.76
N ARG A 262 -9.06 6.66 23.88
CA ARG A 262 -9.48 5.27 23.77
C ARG A 262 -8.67 4.46 22.77
N SER A 263 -7.71 5.10 22.06
CA SER A 263 -6.91 4.36 21.12
C SER A 263 -5.90 3.49 21.88
N TRP A 264 -5.63 2.33 21.36
CA TRP A 264 -4.43 1.60 21.78
C TRP A 264 -3.22 2.42 21.46
N TRP A 265 -2.42 2.68 22.50
CA TRP A 265 -1.12 3.34 22.40
C TRP A 265 -1.24 4.72 21.73
N GLY A 266 -2.39 5.36 21.85
CA GLY A 266 -2.58 6.67 21.25
C GLY A 266 -2.53 6.73 19.73
N MET A 267 -2.76 5.61 19.06
CA MET A 267 -2.62 5.58 17.62
C MET A 267 -3.81 6.23 16.90
N GLY A 268 -3.47 6.86 15.74
CA GLY A 268 -4.47 7.39 14.83
C GLY A 268 -3.75 8.00 13.63
N ALA A 269 -4.42 8.08 12.49
CA ALA A 269 -3.77 8.59 11.28
C ALA A 269 -3.31 10.02 11.48
N ASP A 270 -4.09 10.84 12.15
CA ASP A 270 -3.77 12.26 12.33
C ASP A 270 -2.44 12.42 13.05
N VAL A 271 -2.24 11.70 14.16
CA VAL A 271 -1.00 11.79 14.91
C VAL A 271 0.17 11.28 14.10
N PHE A 272 0.00 10.25 13.28
CA PHE A 272 1.10 9.76 12.49
C PHE A 272 1.40 10.68 11.33
N ILE A 273 0.41 11.25 10.67
CA ILE A 273 0.65 12.21 9.61
C ILE A 273 1.37 13.42 10.20
N ASN A 274 0.90 13.90 11.32
CA ASN A 274 1.55 15.06 11.92
C ASN A 274 3.01 14.77 12.22
N GLN A 275 3.33 13.59 12.73
CA GLN A 275 4.71 13.24 12.96
C GLN A 275 5.48 13.30 11.65
N MET A 276 4.90 12.79 10.56
CA MET A 276 5.61 12.78 9.30
C MET A 276 5.93 14.20 8.84
N ILE A 277 4.99 15.10 8.98
CA ILE A 277 5.21 16.49 8.64
C ILE A 277 6.35 17.02 9.53
N GLU A 278 6.30 16.73 10.82
CA GLU A 278 7.35 17.18 11.74
C GLU A 278 8.72 16.66 11.32
N LEU A 279 8.79 15.44 10.77
CA LEU A 279 10.03 14.86 10.29
C LEU A 279 10.52 15.52 9.00
N GLY A 280 9.70 16.33 8.34
CA GLY A 280 10.14 17.11 7.18
C GLY A 280 9.51 16.68 5.86
N ILE A 281 8.48 15.81 5.90
CA ILE A 281 7.68 15.63 4.68
C ILE A 281 6.73 16.79 4.49
N PRO A 282 6.82 17.56 3.38
CA PRO A 282 5.86 18.62 3.12
C PRO A 282 4.43 18.08 3.08
N SER A 283 3.51 18.74 3.72
CA SER A 283 2.15 18.26 3.77
C SER A 283 1.63 18.03 2.36
N GLU A 284 1.96 18.89 1.42
CA GLU A 284 1.34 18.84 0.09
C GLU A 284 1.84 17.67 -0.73
N LYS A 285 2.89 16.97 -0.28
CA LYS A 285 3.35 15.77 -0.94
C LYS A 285 2.76 14.50 -0.30
N LEU A 286 2.16 14.62 0.90
CA LEU A 286 1.74 13.50 1.70
C LEU A 286 0.32 13.11 1.25
N VAL A 287 0.08 11.79 1.17
CA VAL A 287 -1.19 11.26 0.72
C VAL A 287 -1.68 10.30 1.81
N ILE A 288 -2.84 10.58 2.41
CA ILE A 288 -3.33 9.75 3.50
C ILE A 288 -3.86 8.46 2.90
N GLY A 289 -3.64 7.37 3.71
CA GLY A 289 -4.10 6.06 3.30
C GLY A 289 -5.44 5.65 3.91
N ALA A 290 -6.30 5.20 3.00
CA ALA A 290 -7.56 4.53 3.25
C ALA A 290 -7.42 3.06 2.91
N ALA A 291 -8.18 2.23 3.62
CA ALA A 291 -8.17 0.80 3.42
C ALA A 291 -9.51 0.34 2.87
N PHE A 292 -9.45 -0.56 1.87
CA PHE A 292 -10.66 -1.22 1.40
C PHE A 292 -10.76 -2.66 1.93
N TYR A 293 -10.27 -2.80 3.15
CA TYR A 293 -10.33 -4.06 3.87
C TYR A 293 -10.40 -3.73 5.35
N GLY A 294 -10.71 -4.77 6.14
CA GLY A 294 -10.77 -4.72 7.58
C GLY A 294 -9.96 -5.85 8.19
N ARG A 295 -9.81 -5.80 9.51
CA ARG A 295 -9.21 -6.91 10.26
C ARG A 295 -10.11 -7.25 11.41
N GLY A 296 -10.03 -8.46 11.89
CA GLY A 296 -10.91 -8.88 12.94
C GLY A 296 -10.32 -9.88 13.91
N TRP A 297 -11.05 -10.00 15.02
CA TRP A 297 -10.70 -10.81 16.17
C TRP A 297 -11.90 -11.62 16.62
N GLN A 298 -11.61 -12.76 17.19
CA GLN A 298 -12.63 -13.62 17.77
C GLN A 298 -12.42 -13.70 19.26
N GLY A 299 -13.49 -14.05 19.96
CA GLY A 299 -13.46 -14.15 21.41
C GLY A 299 -13.08 -12.83 22.07
N THR A 300 -13.71 -11.74 21.66
CA THR A 300 -13.45 -10.44 22.23
C THR A 300 -14.00 -10.42 23.64
N LYS A 301 -13.21 -9.88 24.56
CA LYS A 301 -13.51 -9.97 26.00
C LYS A 301 -14.02 -8.64 26.53
N ASP A 302 -14.93 -8.76 27.50
CA ASP A 302 -15.35 -7.62 28.29
C ASP A 302 -15.92 -6.50 27.43
N PHE A 303 -16.65 -6.90 26.42
CA PHE A 303 -17.16 -5.90 25.49
C PHE A 303 -18.62 -6.15 25.18
N SER A 304 -19.45 -5.09 25.22
CA SER A 304 -20.90 -5.14 25.09
C SER A 304 -21.39 -4.24 23.95
N GLY A 305 -20.51 -3.82 23.03
CA GLY A 305 -20.95 -3.06 21.88
C GLY A 305 -20.81 -1.54 22.01
N GLY A 306 -20.16 -1.08 23.06
CA GLY A 306 -19.92 0.33 23.26
C GLY A 306 -18.77 0.80 22.36
N LEU A 307 -18.18 1.91 22.73
CA LEU A 307 -17.04 2.41 21.96
C LEU A 307 -15.83 1.56 22.32
N PRO A 308 -14.97 1.26 21.34
CA PRO A 308 -13.73 0.53 21.65
C PRO A 308 -12.84 1.32 22.58
N THR A 309 -12.11 0.65 23.49
CA THR A 309 -11.26 1.31 24.46
C THR A 309 -9.82 0.85 24.37
N GLN A 310 -8.99 1.50 25.14
CA GLN A 310 -7.56 1.42 25.00
C GLN A 310 -7.01 0.16 25.65
N ASP A 311 -7.85 -0.66 26.26
CA ASP A 311 -7.43 -1.95 26.82
C ASP A 311 -8.26 -3.11 26.28
N LEU A 312 -9.02 -2.92 25.20
CA LEU A 312 -9.86 -3.96 24.61
C LEU A 312 -8.98 -5.07 24.01
N VAL A 313 -9.25 -6.32 24.41
CA VAL A 313 -8.51 -7.47 23.98
C VAL A 313 -9.50 -8.58 23.60
N SER A 314 -8.98 -9.49 22.77
CA SER A 314 -9.68 -10.66 22.28
C SER A 314 -8.80 -11.90 22.46
N GLU A 315 -9.45 -13.05 22.43
CA GLU A 315 -8.73 -14.33 22.44
C GLU A 315 -7.61 -14.31 21.41
N GLN A 316 -7.95 -14.03 20.15
CA GLN A 316 -6.97 -14.07 19.11
C GLN A 316 -7.51 -13.37 17.87
N GLY A 317 -6.64 -13.20 16.90
CA GLY A 317 -7.09 -12.75 15.62
C GLY A 317 -8.08 -13.73 14.98
N ALA A 318 -8.97 -13.22 14.19
CA ALA A 318 -9.98 -14.06 13.55
C ALA A 318 -9.32 -15.17 12.74
N GLN A 319 -9.78 -16.41 12.97
CA GLN A 319 -9.36 -17.55 12.16
C GLN A 319 -10.32 -17.74 10.99
N PHE A 320 -10.48 -16.66 10.22
CA PHE A 320 -11.34 -16.64 9.06
C PHE A 320 -11.03 -15.31 8.36
N GLY A 321 -11.30 -15.24 7.07
CA GLY A 321 -10.90 -14.09 6.30
C GLY A 321 -11.45 -14.26 4.90
N THR A 322 -11.27 -13.27 4.03
CA THR A 322 -11.69 -13.38 2.64
C THR A 322 -10.85 -14.42 1.89
N GLY A 323 -9.58 -14.53 2.24
CA GLY A 323 -8.71 -15.57 1.73
C GLY A 323 -7.83 -16.05 2.83
N GLU A 324 -6.71 -15.42 3.08
CA GLU A 324 -5.96 -15.71 4.27
C GLU A 324 -6.66 -15.18 5.51
N ASN A 325 -6.49 -15.86 6.63
CA ASN A 325 -7.20 -15.48 7.84
C ASN A 325 -6.78 -14.10 8.37
N GLY A 326 -7.78 -13.41 8.90
CA GLY A 326 -7.57 -12.26 9.76
C GLY A 326 -7.92 -10.93 9.13
N TYR A 327 -8.14 -10.89 7.83
CA TYR A 327 -8.54 -9.71 7.11
C TYR A 327 -9.65 -10.03 6.12
N PHE A 328 -10.35 -8.96 5.79
CA PHE A 328 -11.61 -9.08 5.09
C PHE A 328 -11.67 -7.98 4.04
N MET A 329 -11.93 -8.32 2.78
CA MET A 329 -12.17 -7.25 1.83
C MET A 329 -13.51 -6.60 2.12
N PHE A 330 -13.64 -5.30 1.83
CA PHE A 330 -14.86 -4.55 2.02
C PHE A 330 -16.06 -5.24 1.42
N TRP A 331 -15.91 -5.80 0.21
CA TRP A 331 -17.08 -6.42 -0.39
C TRP A 331 -17.53 -7.65 0.44
N ASP A 332 -16.61 -8.38 1.00
CA ASP A 332 -16.93 -9.56 1.79
C ASP A 332 -17.62 -9.16 3.08
N LEU A 333 -17.13 -8.10 3.72
CA LEU A 333 -17.82 -7.57 4.88
C LEU A 333 -19.26 -7.18 4.55
N VAL A 334 -19.47 -6.46 3.47
CA VAL A 334 -20.82 -6.00 3.13
C VAL A 334 -21.74 -7.22 2.93
N LYS A 335 -21.22 -8.24 2.26
CA LYS A 335 -22.07 -9.39 1.89
C LYS A 335 -22.32 -10.34 3.07
N ASN A 336 -21.26 -10.59 3.83
CA ASN A 336 -21.24 -11.73 4.73
C ASN A 336 -21.12 -11.38 6.22
N TYR A 337 -20.87 -10.13 6.55
CA TYR A 337 -20.63 -9.74 7.94
C TYR A 337 -21.48 -8.51 8.26
N GLY A 338 -22.75 -8.62 7.99
CA GLY A 338 -23.69 -7.57 8.23
C GLY A 338 -24.82 -8.00 9.17
N ALA A 339 -25.90 -7.22 9.12
CA ALA A 339 -26.94 -7.35 10.11
C ALA A 339 -27.62 -8.73 10.03
N LYS A 340 -27.85 -9.20 8.78
CA LYS A 340 -28.53 -10.48 8.58
C LYS A 340 -27.67 -11.64 9.10
N GLN A 341 -26.36 -11.41 9.23
CA GLN A 341 -25.44 -12.42 9.72
C GLN A 341 -25.05 -12.22 11.17
N GLY A 342 -25.71 -11.29 11.87
CA GLY A 342 -25.55 -11.11 13.30
C GLY A 342 -24.49 -10.07 13.68
N TYR A 343 -24.03 -9.27 12.72
CA TYR A 343 -23.00 -8.26 12.98
C TYR A 343 -23.68 -6.90 12.96
N GLU A 344 -23.55 -6.10 14.04
CA GLU A 344 -24.10 -4.78 14.21
C GLU A 344 -23.04 -3.79 13.75
N TYR A 345 -23.36 -2.95 12.76
CA TYR A 345 -22.52 -1.86 12.34
C TYR A 345 -22.55 -0.78 13.38
N LYS A 346 -21.36 -0.30 13.72
CA LYS A 346 -21.13 0.79 14.65
C LYS A 346 -20.14 1.79 14.09
N TYR A 347 -20.27 3.02 14.55
CA TYR A 347 -19.38 4.06 14.08
C TYR A 347 -18.85 4.87 15.26
N ASP A 348 -17.53 4.95 15.39
CA ASP A 348 -16.88 5.72 16.42
C ASP A 348 -16.63 7.11 15.92
N GLU A 349 -17.49 8.09 16.26
CA GLU A 349 -17.45 9.42 15.68
C GLU A 349 -16.18 10.16 16.07
N GLN A 350 -15.72 10.00 17.29
CA GLN A 350 -14.50 10.67 17.74
C GLN A 350 -13.30 10.19 16.92
N SER A 351 -13.19 8.89 16.71
CA SER A 351 -12.13 8.28 15.90
C SER A 351 -12.35 8.45 14.39
N GLN A 352 -13.59 8.65 13.97
CA GLN A 352 -14.06 8.53 12.59
C GLN A 352 -13.73 7.18 12.02
N ALA A 353 -14.27 6.12 12.65
CA ALA A 353 -13.94 4.78 12.17
C ALA A 353 -15.11 3.85 12.41
N PRO A 354 -15.46 3.02 11.40
CA PRO A 354 -16.54 2.05 11.55
C PRO A 354 -16.07 0.71 12.07
N TYR A 355 -16.93 -0.01 12.78
CA TYR A 355 -16.60 -1.34 13.24
C TYR A 355 -17.85 -2.18 13.28
N LEU A 356 -17.66 -3.48 13.36
CA LEU A 356 -18.75 -4.45 13.34
C LEU A 356 -18.63 -5.29 14.59
N TRP A 357 -19.72 -5.44 15.33
CA TRP A 357 -19.75 -6.24 16.53
C TRP A 357 -20.83 -7.27 16.41
N ASN A 358 -20.41 -8.52 16.58
CA ASN A 358 -21.38 -9.62 16.63
C ASN A 358 -21.54 -10.01 18.09
N PRO A 359 -22.65 -9.56 18.72
CA PRO A 359 -22.79 -9.80 20.16
C PRO A 359 -22.91 -11.27 20.52
N GLU A 360 -23.56 -12.06 19.66
CA GLU A 360 -23.75 -13.47 20.01
C GLU A 360 -22.46 -14.24 19.89
N LYS A 361 -21.67 -13.96 18.86
CA LYS A 361 -20.47 -14.74 18.61
C LYS A 361 -19.21 -14.12 19.18
N LYS A 362 -19.28 -12.87 19.61
CA LYS A 362 -18.14 -12.15 20.18
C LYS A 362 -16.98 -11.97 19.17
N VAL A 363 -17.34 -11.42 18.00
CA VAL A 363 -16.43 -11.13 16.92
C VAL A 363 -16.44 -9.61 16.72
N PHE A 364 -15.25 -9.04 16.70
CA PHE A 364 -15.05 -7.61 16.46
C PHE A 364 -14.27 -7.45 15.16
N ILE A 365 -14.76 -6.60 14.25
CA ILE A 365 -14.08 -6.29 13.01
C ILE A 365 -13.95 -4.78 12.92
N SER A 366 -12.75 -4.33 12.59
CA SER A 366 -12.52 -2.94 12.27
C SER A 366 -12.32 -2.77 10.78
N TYR A 367 -12.95 -1.77 10.16
CA TYR A 367 -12.75 -1.56 8.74
C TYR A 367 -12.85 -0.07 8.41
N GLU A 368 -13.22 0.19 7.14
CA GLU A 368 -13.24 1.53 6.59
C GLU A 368 -14.43 1.54 5.64
N ASP A 369 -15.18 2.65 5.58
CA ASP A 369 -16.34 2.69 4.73
C ASP A 369 -16.52 4.10 4.19
N GLN A 370 -17.68 4.37 3.59
CA GLN A 370 -17.91 5.67 2.96
C GLN A 370 -17.73 6.79 3.97
N ARG A 371 -18.26 6.59 5.18
CA ARG A 371 -18.26 7.60 6.22
C ARG A 371 -16.84 7.94 6.64
N SER A 372 -15.99 6.93 6.89
CA SER A 372 -14.62 7.21 7.32
C SER A 372 -13.77 7.77 6.19
N ILE A 373 -13.99 7.30 4.96
CA ILE A 373 -13.27 7.83 3.81
C ILE A 373 -13.61 9.28 3.59
N LYS A 374 -14.89 9.64 3.71
CA LYS A 374 -15.27 11.03 3.59
C LYS A 374 -14.52 11.84 4.66
N ALA A 375 -14.50 11.32 5.88
CA ALA A 375 -13.85 12.04 6.96
C ALA A 375 -12.36 12.19 6.64
N LYS A 376 -11.69 11.13 6.18
CA LYS A 376 -10.27 11.21 5.88
C LYS A 376 -9.96 12.20 4.76
N ALA A 377 -10.81 12.22 3.70
CA ALA A 377 -10.57 13.13 2.59
C ALA A 377 -10.73 14.56 3.08
N ASN A 378 -11.77 14.79 3.89
CA ASN A 378 -11.99 16.17 4.36
C ASN A 378 -10.87 16.59 5.29
N TRP A 379 -10.36 15.68 6.13
CA TRP A 379 -9.27 16.01 6.99
C TRP A 379 -8.03 16.31 6.15
N ALA A 380 -7.78 15.48 5.14
CA ALA A 380 -6.64 15.72 4.23
C ALA A 380 -6.69 17.12 3.63
N LYS A 381 -7.88 17.53 3.21
CA LYS A 381 -8.03 18.88 2.64
C LYS A 381 -7.66 19.92 3.66
N GLN A 382 -8.21 19.77 4.87
CA GLN A 382 -7.99 20.75 5.91
C GLN A 382 -6.54 20.77 6.38
N ALA A 383 -5.82 19.62 6.32
CA ALA A 383 -4.42 19.52 6.71
C ALA A 383 -3.48 19.88 5.55
N ASN A 384 -4.01 20.33 4.43
CA ASN A 384 -3.23 20.70 3.27
C ASN A 384 -2.35 19.54 2.79
N LEU A 385 -2.93 18.35 2.77
CA LEU A 385 -2.28 17.17 2.23
C LEU A 385 -2.38 17.16 0.72
N GLY A 386 -1.58 16.30 0.11
CA GLY A 386 -1.59 16.09 -1.33
C GLY A 386 -2.83 15.35 -1.84
N GLY A 387 -3.42 14.45 -1.03
CA GLY A 387 -4.63 13.76 -1.42
C GLY A 387 -4.79 12.49 -0.57
N ILE A 388 -5.41 11.52 -1.21
CA ILE A 388 -5.81 10.29 -0.54
C ILE A 388 -5.52 9.12 -1.47
N PHE A 389 -5.22 7.96 -0.87
CA PHE A 389 -5.06 6.74 -1.67
C PHE A 389 -5.70 5.58 -0.94
N THR A 390 -5.92 4.51 -1.69
CA THR A 390 -6.47 3.28 -1.12
C THR A 390 -5.58 2.09 -1.36
N TRP A 391 -5.47 1.27 -0.32
CA TRP A 391 -5.05 -0.11 -0.42
C TRP A 391 -6.26 -0.98 -0.15
N GLU A 392 -6.78 -1.73 -1.12
CA GLU A 392 -6.49 -1.69 -2.54
C GLU A 392 -7.82 -1.79 -3.29
N LEU A 393 -7.79 -1.44 -4.57
CA LEU A 393 -8.99 -1.18 -5.35
C LEU A 393 -9.97 -2.33 -5.40
N SER A 394 -9.51 -3.56 -5.43
CA SER A 394 -10.39 -4.72 -5.56
C SER A 394 -11.34 -4.90 -4.37
N GLY A 395 -11.06 -4.24 -3.25
CA GLY A 395 -11.96 -4.41 -2.11
C GLY A 395 -13.31 -3.77 -2.37
N ASP A 396 -13.41 -2.89 -3.38
CA ASP A 396 -14.57 -2.09 -3.68
C ASP A 396 -14.98 -2.34 -5.15
N PRO A 397 -15.56 -3.50 -5.46
CA PRO A 397 -15.91 -3.81 -6.86
C PRO A 397 -16.92 -2.86 -7.49
N LYS A 398 -17.77 -2.24 -6.71
CA LYS A 398 -18.77 -1.32 -7.22
C LYS A 398 -18.16 0.01 -7.58
N GLY A 399 -17.00 0.34 -6.99
CA GLY A 399 -16.45 1.69 -7.19
C GLY A 399 -17.09 2.74 -6.29
N GLU A 400 -17.86 2.32 -5.30
CA GLU A 400 -18.59 3.25 -4.45
C GLU A 400 -17.66 3.96 -3.46
N LEU A 401 -16.62 3.30 -2.99
CA LEU A 401 -15.70 3.94 -2.08
C LEU A 401 -14.73 4.86 -2.84
N VAL A 402 -14.32 4.45 -4.03
CA VAL A 402 -13.58 5.36 -4.88
C VAL A 402 -14.37 6.62 -5.17
N GLU A 403 -15.68 6.46 -5.44
CA GLU A 403 -16.47 7.62 -5.74
C GLU A 403 -16.40 8.61 -4.59
N VAL A 404 -16.48 8.14 -3.35
CA VAL A 404 -16.36 9.04 -2.20
C VAL A 404 -15.01 9.73 -2.18
N MET A 405 -13.91 9.00 -2.40
CA MET A 405 -12.59 9.57 -2.46
C MET A 405 -12.56 10.69 -3.49
N TYR A 406 -13.07 10.43 -4.67
CA TYR A 406 -13.05 11.39 -5.76
C TYR A 406 -13.88 12.61 -5.40
N GLN A 407 -15.11 12.41 -4.97
CA GLN A 407 -15.98 13.55 -4.76
C GLN A 407 -15.50 14.40 -3.60
N GLU A 408 -15.04 13.75 -2.53
CA GLU A 408 -14.68 14.47 -1.31
C GLU A 408 -13.31 15.12 -1.44
N MET A 409 -12.40 14.57 -2.23
CA MET A 409 -11.03 15.07 -2.24
C MET A 409 -10.99 16.19 -3.26
N GLN A 410 -11.63 15.94 -4.40
CA GLN A 410 -11.67 16.87 -5.52
C GLN A 410 -12.88 17.78 -5.36
N LYS A 411 -12.83 18.64 -4.34
CA LYS A 411 -13.97 19.40 -3.89
C LYS A 411 -13.48 20.75 -3.36
C1 NAG B . 0.72 -2.05 2.85
C2 NAG B . 1.70 -3.07 2.31
C3 NAG B . 1.06 -4.15 1.46
C4 NAG B . 0.00 -4.78 2.36
C5 NAG B . -0.95 -3.70 2.86
C6 NAG B . -2.06 -4.20 3.75
C7 NAG B . 3.97 -2.23 2.31
C8 NAG B . 4.95 -1.40 1.53
N2 NAG B . 2.77 -2.37 1.70
O1 NAG B . 1.34 -1.14 3.71
O3 NAG B . 2.11 -5.08 1.16
O4 NAG B . -0.83 -5.67 1.64
O5 NAG B . -0.23 -2.74 3.61
O6 NAG B . -1.63 -4.87 4.93
O7 NAG B . 4.26 -2.81 3.38
C1 NAG B . -0.44 -7.10 1.62
C2 NAG B . -1.70 -7.95 1.39
C3 NAG B . -1.25 -9.37 1.09
C4 NAG B . -0.21 -9.37 0.00
C5 NAG B . 0.98 -8.54 0.48
C6 NAG B . 2.09 -8.51 -0.54
C7 NAG B . -3.68 -7.20 2.67
C8 NAG B . -4.19 -6.70 1.43
N2 NAG B . -2.53 -7.82 2.57
O3 NAG B . -2.44 -10.05 0.68
O4 NAG B . 0.29 -10.71 -0.18
O5 NAG B . 0.49 -7.20 0.56
O6 NAG B . 3.15 -7.64 -0.06
O7 NAG B . -4.33 -7.08 3.76
C1 NAG B . -0.51 -11.50 -1.29
C2 NAG B . 0.51 -12.20 -2.15
C3 NAG B . -0.21 -13.16 -3.11
C4 NAG B . -1.17 -14.02 -2.33
C5 NAG B . -2.04 -13.20 -1.37
C6 NAG B . -2.93 -13.98 -0.45
C7 NAG B . 2.69 -11.15 -2.70
C8 NAG B . 3.36 -10.19 -3.63
N2 NAG B . 1.37 -11.30 -2.87
O3 NAG B . 0.75 -13.89 -3.84
O4 NAG B . -2.08 -14.60 -3.28
O5 NAG B . -1.22 -12.40 -0.48
O6 NAG B . -3.77 -12.96 0.08
O7 NAG B . 3.30 -11.78 -1.83
C1 NAG B . -2.65 -15.08 -5.08
C2 NAG B . -3.11 -16.48 -4.66
C3 NAG B . -2.53 -17.52 -5.60
C4 NAG B . -2.18 -16.86 -6.93
C5 NAG B . -1.04 -15.88 -6.70
C6 NAG B . -0.78 -14.96 -7.89
C7 NAG B . -3.76 -17.07 -2.46
C8 NAG B . -3.45 -17.96 -1.29
N2 NAG B . -2.78 -16.86 -3.31
O3 NAG B . -3.56 -18.50 -5.72
O4 NAG B . -1.76 -17.81 -7.90
O5 NAG B . -1.33 -15.04 -5.58
O6 NAG B . -1.94 -14.83 -8.72
O7 NAG B . -4.85 -16.54 -2.63
#